data_5AME
#
_entry.id   5AME
#
_cell.length_a   55.554
_cell.length_b   56.537
_cell.length_c   101.630
_cell.angle_alpha   90.00
_cell.angle_beta   90.00
_cell.angle_gamma   90.00
#
_symmetry.space_group_name_H-M   'P 21 21 21'
#
loop_
_entity.id
_entity.type
_entity.pdbx_description
1 polymer 'BROMODOMAIN-CONTAINING PROTEIN 1'
2 non-polymer 4-acetyl-piperazin-2-one
3 non-polymer 'SODIUM ION'
4 water water
#
_entity_poly.entity_id   1
_entity_poly.type   'polypeptide(L)'
_entity_poly.pdbx_seq_one_letter_code
;SMEQVAMELRLTELTRLLRSVLDQLQDKDPARIFAQPVSLKEVPDYLDHIKHPMDFATMRKRLEAQGYKNLHEFEEDFDL
IIDNCMKYNARDTVFYRAAVRLRDQGGVVLRQARREVDSIGLEEASGMHLPERPA
;
_entity_poly.pdbx_strand_id   A,B
#
loop_
_chem_comp.id
_chem_comp.type
_chem_comp.name
_chem_comp.formula
NA non-polymer 'SODIUM ION' 'Na 1'
PW3 non-polymer 4-acetyl-piperazin-2-one 'C6 H10 N2 O2'
#
# COMPACT_ATOMS: atom_id res chain seq x y z
N SER A 1 -14.35 34.07 -4.47
CA SER A 1 -13.40 34.63 -5.42
C SER A 1 -13.48 33.89 -6.76
N MET A 2 -13.04 34.55 -7.85
CA MET A 2 -12.88 33.88 -9.14
CA MET A 2 -12.95 33.84 -9.13
C MET A 2 -11.92 32.71 -9.04
N GLU A 3 -10.89 32.86 -8.21
CA GLU A 3 -9.89 31.81 -8.13
C GLU A 3 -10.49 30.51 -7.57
N GLN A 4 -11.34 30.64 -6.54
CA GLN A 4 -12.02 29.47 -5.98
C GLN A 4 -12.89 28.81 -7.05
N VAL A 5 -13.63 29.61 -7.81
CA VAL A 5 -14.46 29.07 -8.91
C VAL A 5 -13.64 28.33 -9.97
N ALA A 6 -12.51 28.91 -10.34
CA ALA A 6 -11.60 28.28 -11.31
C ALA A 6 -11.16 26.94 -10.79
N MET A 7 -10.81 26.90 -9.52
CA MET A 7 -10.25 25.67 -8.91
C MET A 7 -11.35 24.60 -8.88
N GLU A 8 -12.56 25.02 -8.58
CA GLU A 8 -13.70 24.11 -8.57
C GLU A 8 -14.06 23.61 -9.98
N LEU A 9 -13.90 24.44 -10.99
CA LEU A 9 -14.10 24.01 -12.38
C LEU A 9 -13.07 22.92 -12.73
N ARG A 10 -11.84 23.14 -12.29
CA ARG A 10 -10.75 22.18 -12.51
C ARG A 10 -11.08 20.84 -11.85
N LEU A 11 -11.57 20.89 -10.62
CA LEU A 11 -11.92 19.66 -9.91
C LEU A 11 -13.12 18.98 -10.56
N THR A 12 -14.06 19.79 -11.06
CA THR A 12 -15.20 19.24 -11.77
C THR A 12 -14.74 18.56 -13.05
N GLU A 13 -13.76 19.18 -13.72
CA GLU A 13 -13.16 18.58 -14.89
C GLU A 13 -12.45 17.26 -14.57
N LEU A 14 -11.69 17.25 -13.48
CA LEU A 14 -10.98 16.05 -13.03
C LEU A 14 -11.98 14.93 -12.72
N THR A 15 -13.05 15.31 -12.02
CA THR A 15 -14.12 14.38 -11.70
C THR A 15 -14.71 13.78 -12.97
N ARG A 16 -14.91 14.62 -13.99
CA ARG A 16 -15.40 14.14 -15.27
C ARG A 16 -14.44 13.13 -15.90
N LEU A 17 -13.16 13.45 -15.88
CA LEU A 17 -12.15 12.55 -16.43
C LEU A 17 -12.08 11.25 -15.60
N LEU A 18 -12.08 11.37 -14.28
CA LEU A 18 -12.03 10.17 -13.45
C LEU A 18 -13.30 9.33 -13.56
N ARG A 19 -14.44 9.98 -13.79
CA ARG A 19 -15.66 9.22 -13.97
C ARG A 19 -15.55 8.32 -15.20
N SER A 20 -14.95 8.86 -16.26
CA SER A 20 -14.71 8.11 -17.49
C SER A 20 -13.69 6.96 -17.27
N VAL A 21 -12.62 7.25 -16.53
CA VAL A 21 -11.63 6.23 -16.20
C VAL A 21 -12.30 5.12 -15.39
N LEU A 22 -13.12 5.49 -14.41
CA LEU A 22 -13.76 4.50 -13.56
C LEU A 22 -14.68 3.60 -14.39
N ASP A 23 -15.39 4.18 -15.34
CA ASP A 23 -16.26 3.40 -16.21
C ASP A 23 -15.49 2.41 -17.06
N GLN A 24 -14.33 2.84 -17.56
CA GLN A 24 -13.49 1.96 -18.35
C GLN A 24 -12.87 0.85 -17.52
N LEU A 25 -12.48 1.16 -16.29
CA LEU A 25 -11.87 0.13 -15.44
C LEU A 25 -12.92 -0.90 -15.09
N GLN A 26 -14.12 -0.44 -14.78
CA GLN A 26 -15.16 -1.35 -14.33
C GLN A 26 -15.61 -2.30 -15.46
N ASP A 27 -15.46 -1.85 -16.69
CA ASP A 27 -15.78 -2.68 -17.85
C ASP A 27 -14.85 -3.89 -17.94
N LYS A 28 -13.68 -3.78 -17.32
CA LYS A 28 -12.70 -4.86 -17.31
CA LYS A 28 -12.72 -4.88 -17.32
C LYS A 28 -13.02 -5.86 -16.20
N ASP A 29 -14.18 -5.68 -15.57
CA ASP A 29 -14.71 -6.57 -14.52
C ASP A 29 -16.10 -7.04 -14.90
N PRO A 30 -16.23 -7.79 -16.01
CA PRO A 30 -17.58 -8.12 -16.45
C PRO A 30 -18.31 -9.06 -15.48
N ALA A 31 -17.54 -9.81 -14.68
CA ALA A 31 -18.11 -10.68 -13.68
C ALA A 31 -18.69 -9.92 -12.48
N ARG A 32 -18.35 -8.63 -12.37
CA ARG A 32 -18.79 -7.79 -11.25
C ARG A 32 -18.33 -8.29 -9.87
N ILE A 33 -17.15 -8.90 -9.87
CA ILE A 33 -16.55 -9.37 -8.63
C ILE A 33 -16.17 -8.20 -7.72
N PHE A 34 -15.88 -7.05 -8.32
CA PHE A 34 -15.40 -5.88 -7.54
C PHE A 34 -16.42 -4.75 -7.45
N ALA A 35 -17.65 -5.05 -7.84
CA ALA A 35 -18.70 -4.04 -7.96
C ALA A 35 -19.13 -3.47 -6.62
N GLN A 36 -19.16 -4.31 -5.58
CA GLN A 36 -19.72 -3.97 -4.26
C GLN A 36 -18.76 -4.35 -3.12
N PRO A 37 -18.93 -3.74 -1.93
CA PRO A 37 -18.11 -4.17 -0.79
C PRO A 37 -18.23 -5.67 -0.55
N VAL A 38 -17.13 -6.31 -0.20
CA VAL A 38 -17.22 -7.66 0.32
C VAL A 38 -18.20 -7.68 1.51
N SER A 39 -19.21 -8.55 1.44
CA SER A 39 -20.25 -8.66 2.45
C SER A 39 -19.74 -9.18 3.81
N LEU A 40 -19.89 -8.39 4.86
CA LEU A 40 -19.42 -8.82 6.17
C LEU A 40 -20.39 -9.86 6.75
N LYS A 41 -21.53 -10.04 6.09
CA LYS A 41 -22.44 -11.14 6.45
C LYS A 41 -21.95 -12.46 5.86
N GLU A 42 -21.55 -12.46 4.59
CA GLU A 42 -21.01 -13.67 3.94
C GLU A 42 -19.53 -13.98 4.22
N VAL A 43 -18.77 -12.94 4.57
CA VAL A 43 -17.36 -13.11 4.96
C VAL A 43 -17.13 -12.42 6.31
N PRO A 44 -17.63 -13.04 7.40
CA PRO A 44 -17.64 -12.34 8.68
C PRO A 44 -16.25 -11.99 9.25
N ASP A 45 -15.20 -12.71 8.85
CA ASP A 45 -13.86 -12.41 9.36
C ASP A 45 -13.10 -11.42 8.47
N TYR A 46 -13.74 -10.84 7.47
CA TYR A 46 -12.98 -10.09 6.43
C TYR A 46 -12.12 -8.96 6.98
N LEU A 47 -12.64 -8.22 7.95
CA LEU A 47 -11.89 -7.08 8.49
C LEU A 47 -10.71 -7.51 9.37
N ASP A 48 -10.67 -8.77 9.79
CA ASP A 48 -9.48 -9.30 10.47
C ASP A 48 -8.32 -9.44 9.50
N HIS A 49 -8.65 -9.59 8.22
CA HIS A 49 -7.63 -9.79 7.17
C HIS A 49 -7.30 -8.49 6.45
N ILE A 50 -8.34 -7.77 6.08
CA ILE A 50 -8.22 -6.60 5.20
C ILE A 50 -8.59 -5.33 5.95
N LYS A 51 -7.62 -4.44 6.13
CA LYS A 51 -7.84 -3.28 6.98
C LYS A 51 -8.46 -2.09 6.25
N HIS A 52 -8.33 -2.03 4.91
CA HIS A 52 -8.92 -0.95 4.17
C HIS A 52 -9.68 -1.50 2.95
N PRO A 53 -10.91 -1.99 3.18
CA PRO A 53 -11.71 -2.54 2.08
C PRO A 53 -11.99 -1.48 1.02
N MET A 54 -12.14 -1.92 -0.23
CA MET A 54 -12.50 -0.99 -1.28
C MET A 54 -13.23 -1.78 -2.38
N ASP A 55 -13.99 -1.04 -3.16
CA ASP A 55 -14.78 -1.65 -4.23
C ASP A 55 -15.22 -0.51 -5.15
N PHE A 56 -15.76 -0.85 -6.32
CA PHE A 56 -16.10 0.20 -7.28
C PHE A 56 -17.26 1.09 -6.83
N ALA A 57 -18.25 0.53 -6.12
CA ALA A 57 -19.36 1.35 -5.63
C ALA A 57 -18.90 2.41 -4.62
N THR A 58 -18.00 2.01 -3.74
CA THR A 58 -17.45 2.94 -2.75
C THR A 58 -16.66 4.02 -3.48
N MET A 59 -15.87 3.64 -4.48
CA MET A 59 -15.13 4.66 -5.26
C MET A 59 -16.08 5.65 -5.92
N ARG A 60 -17.18 5.14 -6.48
CA ARG A 60 -18.10 5.99 -7.21
C ARG A 60 -18.72 7.00 -6.26
N LYS A 61 -19.03 6.57 -5.04
CA LYS A 61 -19.59 7.49 -4.06
C LYS A 61 -18.63 8.63 -3.80
N ARG A 62 -17.37 8.29 -3.55
CA ARG A 62 -16.37 9.32 -3.27
C ARG A 62 -16.18 10.23 -4.48
N LEU A 63 -16.20 9.64 -5.66
CA LEU A 63 -15.96 10.39 -6.87
C LEU A 63 -17.03 11.47 -7.06
N GLU A 64 -18.29 11.09 -6.84
CA GLU A 64 -19.40 12.02 -7.06
C GLU A 64 -19.49 13.09 -5.99
N ALA A 65 -18.86 12.86 -4.84
CA ALA A 65 -18.68 13.89 -3.83
C ALA A 65 -17.46 14.76 -4.15
N GLN A 66 -16.86 14.54 -5.32
CA GLN A 66 -15.61 15.20 -5.70
C GLN A 66 -14.53 15.00 -4.64
N GLY A 67 -14.41 13.77 -4.16
CA GLY A 67 -13.49 13.42 -3.09
C GLY A 67 -12.12 12.95 -3.55
N TYR A 68 -11.92 12.88 -4.87
CA TYR A 68 -10.58 12.60 -5.40
C TYR A 68 -9.94 13.92 -5.87
N LYS A 69 -8.89 14.35 -5.18
CA LYS A 69 -8.26 15.65 -5.46
C LYS A 69 -7.21 15.59 -6.57
N ASN A 70 -6.74 14.38 -6.88
CA ASN A 70 -5.79 14.18 -7.95
C ASN A 70 -5.89 12.72 -8.36
N LEU A 71 -5.21 12.35 -9.44
CA LEU A 71 -5.33 11.01 -9.97
C LEU A 71 -4.68 10.01 -9.02
N HIS A 72 -3.63 10.41 -8.33
CA HIS A 72 -2.94 9.50 -7.42
C HIS A 72 -3.88 8.95 -6.35
N GLU A 73 -4.72 9.81 -5.78
CA GLU A 73 -5.69 9.36 -4.78
C GLU A 73 -6.64 8.29 -5.34
N PHE A 74 -7.07 8.51 -6.58
CA PHE A 74 -7.97 7.57 -7.29
C PHE A 74 -7.28 6.24 -7.55
N GLU A 75 -6.06 6.31 -8.06
CA GLU A 75 -5.24 5.10 -8.26
C GLU A 75 -5.03 4.33 -6.96
N GLU A 76 -4.85 5.03 -5.85
CA GLU A 76 -4.65 4.35 -4.57
C GLU A 76 -5.86 3.47 -4.22
N ASP A 77 -7.05 3.99 -4.48
CA ASP A 77 -8.27 3.21 -4.20
C ASP A 77 -8.40 2.02 -5.17
N PHE A 78 -8.04 2.22 -6.43
CA PHE A 78 -8.12 1.12 -7.40
C PHE A 78 -7.13 0.03 -7.01
N ASP A 79 -5.92 0.43 -6.66
CA ASP A 79 -4.92 -0.53 -6.20
C ASP A 79 -5.40 -1.28 -4.96
N LEU A 80 -6.15 -0.63 -4.06
CA LEU A 80 -6.72 -1.35 -2.89
C LEU A 80 -7.65 -2.46 -3.33
N ILE A 81 -8.52 -2.20 -4.30
CA ILE A 81 -9.42 -3.25 -4.77
C ILE A 81 -8.62 -4.52 -5.17
N ILE A 82 -7.60 -4.31 -6.02
CA ILE A 82 -6.75 -5.40 -6.49
CA ILE A 82 -6.77 -5.41 -6.50
C ILE A 82 -5.93 -6.08 -5.40
N ASP A 83 -5.21 -5.25 -4.62
CA ASP A 83 -4.26 -5.80 -3.65
C ASP A 83 -4.99 -6.55 -2.51
N ASN A 84 -6.13 -6.03 -2.08
CA ASN A 84 -6.94 -6.70 -1.04
C ASN A 84 -7.35 -8.10 -1.52
N CYS A 85 -7.78 -8.14 -2.78
CA CYS A 85 -8.27 -9.40 -3.34
C CYS A 85 -7.13 -10.42 -3.46
N MET A 86 -5.94 -9.96 -3.87
CA MET A 86 -4.84 -10.88 -4.09
C MET A 86 -4.21 -11.31 -2.78
N LYS A 87 -4.56 -10.66 -1.65
CA LYS A 87 -4.14 -11.15 -0.32
CA LYS A 87 -4.11 -11.16 -0.35
C LYS A 87 -5.15 -12.14 0.25
N TYR A 88 -6.44 -11.77 0.20
CA TYR A 88 -7.45 -12.57 0.86
C TYR A 88 -7.68 -13.89 0.14
N ASN A 89 -7.58 -13.86 -1.17
CA ASN A 89 -7.86 -15.05 -1.97
C ASN A 89 -6.60 -15.72 -2.48
N ALA A 90 -6.60 -17.05 -2.57
CA ALA A 90 -5.40 -17.73 -3.03
C ALA A 90 -5.27 -17.64 -4.54
N ARG A 91 -4.06 -17.86 -5.02
CA ARG A 91 -3.74 -17.81 -6.45
C ARG A 91 -4.65 -18.63 -7.38
N ASP A 92 -5.14 -19.77 -6.89
CA ASP A 92 -5.90 -20.70 -7.72
C ASP A 92 -7.41 -20.43 -7.62
N THR A 93 -7.79 -19.19 -7.37
CA THR A 93 -9.21 -18.86 -7.25
C THR A 93 -9.65 -17.93 -8.37
N VAL A 94 -10.95 -17.99 -8.66
CA VAL A 94 -11.53 -17.12 -9.67
C VAL A 94 -11.39 -15.65 -9.25
N PHE A 95 -11.43 -15.41 -7.94
CA PHE A 95 -11.28 -14.05 -7.41
C PHE A 95 -9.88 -13.50 -7.64
N TYR A 96 -8.85 -14.26 -7.27
CA TYR A 96 -7.48 -13.77 -7.46
C TYR A 96 -7.22 -13.54 -8.92
N ARG A 97 -7.66 -14.49 -9.73
CA ARG A 97 -7.41 -14.39 -11.18
C ARG A 97 -8.11 -13.17 -11.79
N ALA A 98 -9.30 -12.85 -11.28
CA ALA A 98 -10.03 -11.67 -11.78
C ALA A 98 -9.26 -10.39 -11.44
N ALA A 99 -8.64 -10.34 -10.26
CA ALA A 99 -7.89 -9.16 -9.85
C ALA A 99 -6.66 -8.97 -10.74
N VAL A 100 -5.98 -10.08 -11.10
CA VAL A 100 -4.80 -10.00 -11.98
C VAL A 100 -5.20 -9.43 -13.34
N ARG A 101 -6.32 -9.93 -13.85
CA ARG A 101 -6.76 -9.49 -15.16
C ARG A 101 -7.17 -8.03 -15.13
N LEU A 102 -7.85 -7.60 -14.07
CA LEU A 102 -8.23 -6.19 -13.90
C LEU A 102 -7.01 -5.26 -13.79
N ARG A 103 -6.03 -5.69 -13.01
N ARG A 103 -6.01 -5.66 -13.02
CA ARG A 103 -4.76 -4.99 -12.89
CA ARG A 103 -4.77 -4.88 -12.94
C ARG A 103 -4.06 -4.81 -14.24
C ARG A 103 -4.10 -4.77 -14.31
N ASP A 104 -3.99 -5.89 -15.02
CA ASP A 104 -3.26 -5.86 -16.28
C ASP A 104 -4.00 -4.99 -17.29
N GLN A 105 -5.31 -5.18 -17.38
CA GLN A 105 -6.09 -4.45 -18.37
C GLN A 105 -6.29 -2.99 -18.00
N GLY A 106 -6.36 -2.72 -16.70
CA GLY A 106 -6.55 -1.35 -16.23
C GLY A 106 -5.32 -0.48 -16.40
N GLY A 107 -4.15 -1.13 -16.43
CA GLY A 107 -2.89 -0.43 -16.56
C GLY A 107 -2.81 0.47 -17.76
N VAL A 108 -3.42 0.01 -18.86
CA VAL A 108 -3.44 0.76 -20.11
C VAL A 108 -4.24 2.06 -19.98
N VAL A 109 -5.43 1.92 -19.40
CA VAL A 109 -6.35 3.03 -19.13
C VAL A 109 -5.71 4.07 -18.24
N LEU A 110 -5.04 3.58 -17.19
CA LEU A 110 -4.42 4.47 -16.22
C LEU A 110 -3.19 5.14 -16.81
N ARG A 111 -2.46 4.43 -17.68
CA ARG A 111 -1.33 5.06 -18.38
C ARG A 111 -1.74 6.30 -19.18
N GLN A 112 -2.87 6.22 -19.91
CA GLN A 112 -3.30 7.36 -20.71
C GLN A 112 -3.95 8.44 -19.83
N ALA A 113 -4.66 8.02 -18.79
CA ALA A 113 -5.25 8.96 -17.85
C ALA A 113 -4.16 9.88 -17.27
N ARG A 114 -3.02 9.30 -16.93
CA ARG A 114 -1.93 10.09 -16.35
C ARG A 114 -1.43 11.13 -17.35
N ARG A 115 -1.30 10.73 -18.61
CA ARG A 115 -0.88 11.68 -19.64
C ARG A 115 -1.90 12.80 -19.80
N GLU A 116 -3.18 12.45 -19.77
CA GLU A 116 -4.25 13.43 -20.01
C GLU A 116 -4.37 14.43 -18.87
N VAL A 117 -4.28 13.93 -17.64
CA VAL A 117 -4.30 14.78 -16.47
C VAL A 117 -3.15 15.80 -16.51
N ASP A 118 -1.95 15.35 -16.90
CA ASP A 118 -0.78 16.22 -17.02
C ASP A 118 -0.91 17.24 -18.15
N SER A 119 -1.25 16.77 -19.35
CA SER A 119 -1.30 17.66 -20.51
C SER A 119 -2.42 18.68 -20.35
N ILE A 120 -3.62 18.22 -19.99
CA ILE A 120 -4.73 19.13 -19.76
C ILE A 120 -4.48 19.96 -18.51
N GLY A 121 -3.61 19.47 -17.63
CA GLY A 121 -3.25 20.17 -16.42
C GLY A 121 -4.41 20.29 -15.45
N LEU A 122 -5.01 19.15 -15.10
CA LEU A 122 -6.25 19.15 -14.32
C LEU A 122 -6.04 19.01 -12.80
N GLU A 123 -4.79 19.03 -12.34
CA GLU A 123 -4.52 18.87 -10.91
C GLU A 123 -3.29 19.65 -10.45
N SER B 1 27.69 25.83 10.27
CA SER B 1 26.55 26.64 10.67
C SER B 1 25.62 25.85 11.59
N MET B 2 24.75 26.56 12.31
CA MET B 2 23.84 25.88 13.22
C MET B 2 22.74 25.15 12.46
N GLU B 3 22.46 25.60 11.23
CA GLU B 3 21.54 24.89 10.36
C GLU B 3 22.08 23.50 10.00
N GLN B 4 23.38 23.40 9.72
CA GLN B 4 24.01 22.10 9.47
C GLN B 4 23.99 21.21 10.70
N VAL B 5 24.27 21.82 11.86
CA VAL B 5 24.27 21.10 13.11
C VAL B 5 22.89 20.49 13.37
N ALA B 6 21.87 21.30 13.18
CA ALA B 6 20.53 20.78 13.40
C ALA B 6 20.16 19.65 12.42
N MET B 7 20.54 19.80 11.16
CA MET B 7 20.26 18.74 10.18
C MET B 7 20.95 17.42 10.53
N GLU B 8 22.22 17.49 10.95
CA GLU B 8 22.92 16.28 11.36
C GLU B 8 22.32 15.66 12.62
N LEU B 9 21.88 16.46 13.60
CA LEU B 9 21.20 15.91 14.76
C LEU B 9 19.91 15.21 14.37
N ARG B 10 19.12 15.83 13.48
CA ARG B 10 17.88 15.20 13.07
C ARG B 10 18.15 13.88 12.36
N LEU B 11 19.20 13.83 11.55
CA LEU B 11 19.64 12.59 10.91
CA LEU B 11 19.58 12.57 10.90
C LEU B 11 19.99 11.48 11.89
N THR B 12 20.81 11.81 12.90
CA THR B 12 21.31 10.77 13.77
C THR B 12 20.17 10.30 14.73
N GLU B 13 19.29 11.22 15.12
CA GLU B 13 18.20 10.79 15.97
CA GLU B 13 18.15 10.85 15.95
C GLU B 13 17.14 10.01 15.20
N LEU B 14 16.88 10.36 13.93
CA LEU B 14 16.04 9.47 13.11
C LEU B 14 16.63 8.07 13.03
N THR B 15 17.93 7.97 12.77
CA THR B 15 18.59 6.66 12.68
C THR B 15 18.52 5.87 14.00
N ARG B 16 18.70 6.56 15.12
CA ARG B 16 18.55 5.93 16.44
C ARG B 16 17.16 5.32 16.60
N LEU B 17 16.17 6.11 16.26
CA LEU B 17 14.78 5.68 16.37
C LEU B 17 14.52 4.49 15.45
N LEU B 18 14.91 4.59 14.17
CA LEU B 18 14.59 3.48 13.24
C LEU B 18 15.32 2.21 13.67
N ARG B 19 16.53 2.34 14.20
CA ARG B 19 17.28 1.16 14.64
C ARG B 19 16.49 0.46 15.75
N SER B 20 15.98 1.24 16.71
CA SER B 20 15.17 0.69 17.80
C SER B 20 13.88 0.03 17.28
N VAL B 21 13.19 0.70 16.35
CA VAL B 21 11.98 0.17 15.76
C VAL B 21 12.28 -1.15 15.04
N LEU B 22 13.35 -1.18 14.23
CA LEU B 22 13.66 -2.41 13.50
C LEU B 22 13.98 -3.55 14.47
N ASP B 23 14.70 -3.28 15.56
CA ASP B 23 15.00 -4.32 16.53
C ASP B 23 13.73 -4.82 17.21
N GLN B 24 12.80 -3.92 17.48
CA GLN B 24 11.53 -4.29 18.10
C GLN B 24 10.69 -5.17 17.16
N LEU B 25 10.73 -4.86 15.86
CA LEU B 25 9.95 -5.64 14.89
C LEU B 25 10.57 -7.02 14.73
N GLN B 26 11.87 -7.07 14.49
CA GLN B 26 12.56 -8.35 14.33
C GLN B 26 12.51 -9.24 15.58
N ASP B 27 12.46 -8.65 16.76
CA ASP B 27 12.41 -9.46 17.99
C ASP B 27 11.09 -10.22 18.06
N LYS B 28 10.10 -9.77 17.31
CA LYS B 28 8.82 -10.48 17.28
C LYS B 28 8.77 -11.57 16.25
N ASP B 29 9.91 -11.83 15.60
CA ASP B 29 9.98 -12.89 14.56
C ASP B 29 11.08 -13.89 14.94
N PRO B 30 10.92 -14.55 16.08
CA PRO B 30 12.00 -15.46 16.49
C PRO B 30 12.19 -16.69 15.58
N ALA B 31 11.18 -17.03 14.77
CA ALA B 31 11.29 -18.12 13.82
C ALA B 31 12.10 -17.70 12.58
N ARG B 32 12.43 -16.42 12.50
CA ARG B 32 13.19 -15.85 11.39
CA ARG B 32 13.20 -15.86 11.39
C ARG B 32 12.51 -16.03 10.04
N ILE B 33 11.19 -15.99 10.04
CA ILE B 33 10.44 -16.12 8.79
C ILE B 33 10.71 -14.92 7.85
N PHE B 34 10.92 -13.74 8.43
CA PHE B 34 11.11 -12.50 7.62
C PHE B 34 12.54 -11.95 7.70
N ALA B 35 13.43 -12.73 8.26
CA ALA B 35 14.79 -12.23 8.51
C ALA B 35 15.66 -12.02 7.28
N GLN B 36 15.48 -12.85 6.27
CA GLN B 36 16.32 -12.86 5.08
C GLN B 36 15.43 -12.95 3.85
N PRO B 37 15.97 -12.62 2.66
CA PRO B 37 15.20 -12.76 1.43
C PRO B 37 14.66 -14.16 1.27
N VAL B 38 13.43 -14.30 0.77
CA VAL B 38 12.89 -15.62 0.40
C VAL B 38 13.87 -16.27 -0.58
N SER B 39 14.22 -17.54 -0.35
CA SER B 39 15.19 -18.22 -1.23
C SER B 39 14.55 -18.69 -2.55
N LEU B 40 15.11 -18.26 -3.67
CA LEU B 40 14.60 -18.71 -4.97
C LEU B 40 14.95 -20.18 -5.19
N LYS B 41 15.97 -20.67 -4.49
CA LYS B 41 16.29 -22.09 -4.55
C LYS B 41 15.16 -22.89 -3.92
N GLU B 42 14.66 -22.42 -2.78
CA GLU B 42 13.61 -23.12 -2.05
C GLU B 42 12.20 -22.78 -2.55
N VAL B 43 12.03 -21.59 -3.13
CA VAL B 43 10.74 -21.18 -3.64
C VAL B 43 10.92 -20.68 -5.08
N PRO B 44 11.04 -21.61 -6.04
CA PRO B 44 11.47 -21.07 -7.33
C PRO B 44 10.42 -20.24 -8.07
N ASP B 45 9.14 -20.31 -7.68
CA ASP B 45 8.17 -19.46 -8.38
C ASP B 45 7.96 -18.13 -7.66
N TYR B 46 8.76 -17.81 -6.66
CA TYR B 46 8.46 -16.59 -5.85
C TYR B 46 8.36 -15.28 -6.66
N LEU B 47 9.31 -15.05 -7.57
CA LEU B 47 9.32 -13.82 -8.36
C LEU B 47 8.32 -13.81 -9.52
N ASP B 48 7.69 -14.95 -9.82
CA ASP B 48 6.56 -14.94 -10.74
C ASP B 48 5.45 -14.07 -10.17
N HIS B 49 5.36 -14.02 -8.84
CA HIS B 49 4.22 -13.38 -8.18
C HIS B 49 4.58 -12.13 -7.39
N ILE B 50 5.80 -12.08 -6.85
CA ILE B 50 6.20 -10.96 -6.01
C ILE B 50 7.18 -10.07 -6.77
N LYS B 51 6.75 -8.84 -7.05
CA LYS B 51 7.54 -7.92 -7.88
C LYS B 51 8.63 -7.21 -7.11
N HIS B 52 8.40 -6.96 -5.81
CA HIS B 52 9.40 -6.28 -4.98
C HIS B 52 9.62 -6.96 -3.63
N PRO B 53 10.50 -7.95 -3.60
CA PRO B 53 10.79 -8.70 -2.35
C PRO B 53 11.36 -7.81 -1.27
N MET B 54 11.05 -8.11 -0.01
CA MET B 54 11.65 -7.37 1.10
C MET B 54 11.79 -8.27 2.30
N ASP B 55 12.69 -7.90 3.22
CA ASP B 55 13.02 -8.69 4.41
C ASP B 55 13.75 -7.81 5.36
N PHE B 56 13.90 -8.25 6.61
CA PHE B 56 14.49 -7.40 7.65
C PHE B 56 15.97 -7.12 7.42
N ALA B 57 16.73 -8.08 6.86
CA ALA B 57 18.14 -7.82 6.59
C ALA B 57 18.35 -6.73 5.55
N THR B 58 17.51 -6.73 4.52
CA THR B 58 17.54 -5.77 3.46
C THR B 58 17.14 -4.38 4.01
N MET B 59 16.19 -4.38 4.95
CA MET B 59 15.89 -3.12 5.64
C MET B 59 17.03 -2.61 6.50
N ARG B 60 17.70 -3.53 7.18
CA ARG B 60 18.78 -3.11 8.07
C ARG B 60 19.92 -2.50 7.23
N LYS B 61 20.19 -3.14 6.10
CA LYS B 61 21.22 -2.64 5.17
C LYS B 61 20.89 -1.19 4.75
N ARG B 62 19.65 -0.96 4.35
CA ARG B 62 19.20 0.35 3.92
C ARG B 62 19.29 1.37 5.06
N LEU B 63 18.82 0.98 6.23
CA LEU B 63 18.92 1.85 7.41
C LEU B 63 20.35 2.28 7.74
N GLU B 64 21.26 1.32 7.79
CA GLU B 64 22.64 1.61 8.25
C GLU B 64 23.41 2.38 7.21
N ALA B 65 22.96 2.29 5.96
CA ALA B 65 23.56 3.01 4.84
C ALA B 65 22.97 4.42 4.67
N GLN B 66 22.17 4.85 5.65
CA GLN B 66 21.49 6.15 5.60
C GLN B 66 20.49 6.30 4.44
N GLY B 67 19.82 5.19 4.07
CA GLY B 67 18.91 5.16 2.95
C GLY B 67 17.45 5.42 3.25
N TYR B 68 17.12 5.57 4.54
CA TYR B 68 15.78 6.03 4.91
C TYR B 68 15.78 7.53 5.27
N LYS B 69 15.06 8.31 4.48
CA LYS B 69 14.98 9.78 4.70
C LYS B 69 14.01 10.14 5.82
N ASN B 70 13.02 9.29 6.03
CA ASN B 70 11.98 9.54 7.03
C ASN B 70 11.28 8.25 7.47
N LEU B 71 10.43 8.34 8.48
CA LEU B 71 9.75 7.13 8.99
C LEU B 71 8.86 6.47 7.95
N HIS B 72 8.19 7.29 7.11
CA HIS B 72 7.29 6.74 6.10
C HIS B 72 8.01 5.80 5.13
N GLU B 73 9.22 6.15 4.67
CA GLU B 73 9.99 5.23 3.79
C GLU B 73 10.28 3.88 4.48
N PHE B 74 10.57 3.92 5.78
CA PHE B 74 10.78 2.71 6.55
C PHE B 74 9.47 1.91 6.64
N GLU B 75 8.35 2.59 6.94
CA GLU B 75 7.05 1.95 7.03
CA GLU B 75 7.07 1.92 7.05
C GLU B 75 6.69 1.25 5.73
N GLU B 76 7.01 1.91 4.60
CA GLU B 76 6.72 1.30 3.29
C GLU B 76 7.47 -0.01 3.09
N ASP B 77 8.71 -0.11 3.53
CA ASP B 77 9.41 -1.38 3.37
C ASP B 77 8.81 -2.45 4.30
N PHE B 78 8.45 -2.07 5.53
CA PHE B 78 7.81 -3.04 6.46
C PHE B 78 6.50 -3.54 5.83
N ASP B 79 5.69 -2.62 5.29
CA ASP B 79 4.45 -3.06 4.63
C ASP B 79 4.73 -4.01 3.47
N LEU B 80 5.82 -3.81 2.70
CA LEU B 80 6.17 -4.76 1.65
C LEU B 80 6.39 -6.18 2.21
N ILE B 81 7.10 -6.30 3.33
CA ILE B 81 7.34 -7.62 3.97
C ILE B 81 5.98 -8.30 4.22
N ILE B 82 5.08 -7.55 4.84
CA ILE B 82 3.78 -8.07 5.23
C ILE B 82 2.91 -8.39 4.02
N ASP B 83 2.81 -7.41 3.12
CA ASP B 83 1.92 -7.58 1.95
C ASP B 83 2.41 -8.69 1.06
N ASN B 84 3.72 -8.80 0.86
CA ASN B 84 4.24 -9.86 -0.02
C ASN B 84 3.88 -11.25 0.52
N CYS B 85 4.00 -11.37 1.84
CA CYS B 85 3.71 -12.63 2.53
C CYS B 85 2.21 -12.97 2.42
N MET B 86 1.36 -11.97 2.62
CA MET B 86 -0.10 -12.19 2.54
C MET B 86 -0.54 -12.45 1.09
N LYS B 87 0.16 -11.85 0.13
CA LYS B 87 -0.13 -12.12 -1.28
C LYS B 87 0.32 -13.52 -1.71
N TYR B 88 1.55 -13.90 -1.34
CA TYR B 88 2.10 -15.20 -1.80
C TYR B 88 1.47 -16.44 -1.14
N ASN B 89 1.16 -16.33 0.14
CA ASN B 89 0.66 -17.47 0.92
C ASN B 89 -0.85 -17.46 1.08
N ALA B 90 -1.46 -18.65 1.10
CA ALA B 90 -2.90 -18.72 1.31
C ALA B 90 -3.27 -18.36 2.75
N ARG B 91 -4.49 -17.86 2.99
CA ARG B 91 -4.93 -17.40 4.34
C ARG B 91 -4.71 -18.43 5.41
N ASP B 92 -5.06 -19.67 5.11
CA ASP B 92 -5.05 -20.72 6.11
C ASP B 92 -3.69 -21.40 6.09
N THR B 93 -2.63 -20.63 6.33
CA THR B 93 -1.26 -21.12 6.41
C THR B 93 -0.52 -20.45 7.59
N VAL B 94 0.53 -21.09 8.08
CA VAL B 94 1.29 -20.56 9.18
C VAL B 94 2.01 -19.27 8.77
N PHE B 95 2.57 -19.24 7.57
N PHE B 95 2.57 -19.21 7.57
CA PHE B 95 3.25 -18.02 7.11
CA PHE B 95 3.28 -17.97 7.20
C PHE B 95 2.30 -16.85 7.04
C PHE B 95 2.33 -16.79 6.95
N TYR B 96 1.14 -17.03 6.40
CA TYR B 96 0.16 -15.93 6.30
C TYR B 96 -0.23 -15.42 7.69
N ARG B 97 -0.50 -16.36 8.60
CA ARG B 97 -0.91 -15.96 9.94
C ARG B 97 0.25 -15.23 10.64
N ALA B 98 1.49 -15.62 10.37
CA ALA B 98 2.63 -14.90 10.95
C ALA B 98 2.66 -13.46 10.45
N ALA B 99 2.41 -13.26 9.16
CA ALA B 99 2.35 -11.88 8.63
C ALA B 99 1.26 -11.03 9.28
N VAL B 100 0.08 -11.63 9.49
CA VAL B 100 -1.01 -10.89 10.11
C VAL B 100 -0.66 -10.53 11.58
N ARG B 101 -0.05 -11.49 12.27
CA ARG B 101 0.41 -11.27 13.65
C ARG B 101 1.44 -10.13 13.70
N LEU B 102 2.44 -10.20 12.83
CA LEU B 102 3.48 -9.17 12.81
C LEU B 102 2.96 -7.80 12.32
N ARG B 103 2.01 -7.83 11.38
CA ARG B 103 1.36 -6.58 11.01
C ARG B 103 0.66 -5.86 12.17
N ASP B 104 -0.09 -6.63 12.94
N ASP B 104 -0.13 -6.59 12.98
CA ASP B 104 -0.87 -6.03 14.00
CA ASP B 104 -0.78 -6.03 14.21
C ASP B 104 0.06 -5.61 15.18
C ASP B 104 0.25 -5.47 15.13
N GLN B 105 1.16 -6.33 15.45
CA GLN B 105 2.16 -5.95 16.45
C GLN B 105 2.95 -4.77 15.93
N GLY B 106 3.33 -4.81 14.66
CA GLY B 106 4.15 -3.77 14.09
C GLY B 106 3.43 -2.45 13.95
N GLY B 107 2.13 -2.51 13.70
CA GLY B 107 1.33 -1.29 13.60
C GLY B 107 1.41 -0.51 14.90
N VAL B 108 1.40 -1.22 16.02
CA VAL B 108 1.46 -0.53 17.31
C VAL B 108 2.83 0.12 17.49
N VAL B 109 3.88 -0.66 17.20
CA VAL B 109 5.26 -0.15 17.28
C VAL B 109 5.42 1.08 16.39
N LEU B 110 4.85 1.03 15.19
CA LEU B 110 5.05 2.13 14.24
C LEU B 110 4.17 3.35 14.58
N ARG B 111 3.01 3.15 15.20
CA ARG B 111 2.23 4.31 15.66
C ARG B 111 2.98 5.01 16.80
N GLN B 112 3.66 4.24 17.64
CA GLN B 112 4.45 4.81 18.74
C GLN B 112 5.68 5.53 18.16
N ALA B 113 6.27 4.95 17.13
CA ALA B 113 7.40 5.61 16.47
C ALA B 113 6.97 6.96 15.89
N ARG B 114 5.75 7.02 15.37
CA ARG B 114 5.27 8.30 14.82
C ARG B 114 5.10 9.34 15.92
N ARG B 115 4.60 8.92 17.09
CA ARG B 115 4.54 9.84 18.23
C ARG B 115 5.92 10.32 18.62
N GLU B 116 6.93 9.45 18.57
CA GLU B 116 8.30 9.85 18.89
C GLU B 116 8.91 10.78 17.83
N VAL B 117 8.62 10.53 16.56
CA VAL B 117 9.03 11.48 15.50
C VAL B 117 8.49 12.89 15.80
N ASP B 118 7.22 12.99 16.18
CA ASP B 118 6.61 14.27 16.49
C ASP B 118 7.20 14.91 17.75
N SER B 119 7.39 14.09 18.79
CA SER B 119 7.96 14.60 20.05
C SER B 119 9.40 15.05 19.92
N ILE B 120 10.19 14.31 19.17
CA ILE B 120 11.61 14.66 19.03
C ILE B 120 11.80 15.82 18.04
N GLY B 121 10.86 15.97 17.09
CA GLY B 121 10.90 17.02 16.06
C GLY B 121 11.68 16.67 14.81
N LEU B 122 11.53 15.44 14.36
CA LEU B 122 12.33 14.91 13.26
C LEU B 122 11.77 15.32 11.91
N GLU B 123 10.49 15.69 11.88
CA GLU B 123 9.94 16.30 10.68
C GLU B 123 9.51 17.74 10.95
C01 PW3 C . 7.84 -15.53 4.16
C02 PW3 C . 7.36 -16.28 2.94
N03 PW3 C . 8.04 -17.46 2.55
C04 PW3 C . 9.19 -17.88 3.30
C05 PW3 C . 9.84 -19.09 2.81
N06 PW3 C . 8.88 -20.13 2.47
C07 PW3 C . 7.75 -19.70 1.77
C08 PW3 C . 7.70 -18.18 1.44
O09 PW3 C . 6.88 -20.46 1.43
O10 PW3 C . 6.42 -15.92 2.28
NA NA D . -3.07 -14.84 0.42
#